data_2F5U
#
_entry.id   2F5U
#
_cell.length_a   52.600
_cell.length_b   67.600
_cell.length_c   119.600
_cell.angle_alpha   90.00
_cell.angle_beta   90.00
_cell.angle_gamma   90.00
#
_symmetry.space_group_name_H-M   'P 21 21 21'
#
loop_
_entity.id
_entity.type
_entity.pdbx_description
1 polymer 'Virion protein UL25'
2 water water
#
_entity_poly.entity_id   1
_entity_poly.type   'polypeptide(L)'
_entity_poly.pdbx_seq_one_letter_code
;AEMEVQIVRNDPPLRYDTNLPVDLLHMVYAGRGATGSSGVVFGTWYRTIQDRTITDFPLTTRSADFRDGRMSKTFMTALV
LSLQACGRLYVGQRHYSAFECAVLCLYLLYRNTHGAADDSDRAPVTFGDLLGRLPRYLACLAAVIGTEGGRPQYRYRDDK
LPKTQFAAGGGRYEHGALASHIVIATLMHHGVLPAAPGDVPRDASTHVNPDGVAHHDDINRAAAAFLSRGHNLFLWEDQT
LLRATANTITALGVIQRLLANGNVYADRLNNRLQLGMLIPGAVPSEAIARGASGSDSGAIKSGDNNLEALCANYVLPLYR
ADPAVELTQLFPGLAALCLDAQAGRPVGSTRRVVDMSSGARQAALVRLTALELINRTRTNPTPVGEVIHAHDALAIQYEQ
GLGLLAQQARIGLGSNTKRFSAFNVSSDYDMLYFLCLGFIPQYLSAV
;
_entity_poly.pdbx_strand_id   A
#
# COMPACT_ATOMS: atom_id res chain seq x y z
N ALA A 1 11.52 22.93 -4.08
CA ALA A 1 10.85 21.90 -4.90
C ALA A 1 9.68 21.25 -4.12
N GLU A 2 8.49 21.76 -4.42
CA GLU A 2 7.22 21.32 -3.84
C GLU A 2 6.70 20.19 -4.69
N MET A 3 5.87 19.34 -4.10
CA MET A 3 5.27 18.24 -4.81
C MET A 3 3.87 18.66 -5.25
N GLU A 4 3.42 18.14 -6.38
CA GLU A 4 2.07 18.43 -6.86
C GLU A 4 1.57 17.17 -7.54
N VAL A 5 0.37 16.74 -7.17
CA VAL A 5 -0.22 15.55 -7.75
C VAL A 5 -1.69 15.77 -7.92
N GLN A 6 -2.35 14.89 -8.65
CA GLN A 6 -3.78 14.97 -8.85
C GLN A 6 -4.37 13.57 -8.62
N ILE A 7 -5.19 13.45 -7.58
CA ILE A 7 -5.80 12.18 -7.19
C ILE A 7 -7.01 11.77 -8.02
N VAL A 8 -7.81 12.76 -8.43
CA VAL A 8 -9.02 12.53 -9.23
C VAL A 8 -9.11 13.60 -10.31
N ARG A 9 -9.53 13.20 -11.51
CA ARG A 9 -9.63 14.11 -12.67
C ARG A 9 -10.37 15.43 -12.47
N ASN A 10 -11.50 15.39 -11.78
CA ASN A 10 -12.29 16.61 -11.57
C ASN A 10 -11.75 17.56 -10.52
N ASP A 11 -10.87 17.07 -9.66
CA ASP A 11 -10.30 17.92 -8.61
C ASP A 11 -9.03 18.65 -9.00
N PRO A 12 -8.76 19.77 -8.32
CA PRO A 12 -7.56 20.57 -8.59
C PRO A 12 -6.35 19.79 -8.11
N PRO A 13 -5.18 20.04 -8.68
CA PRO A 13 -3.99 19.31 -8.23
C PRO A 13 -3.77 19.66 -6.76
N LEU A 14 -2.95 18.87 -6.06
CA LEU A 14 -2.65 19.11 -4.65
C LEU A 14 -1.16 19.41 -4.55
N ARG A 15 -0.84 20.58 -4.00
CA ARG A 15 0.55 20.98 -3.84
C ARG A 15 0.91 20.87 -2.36
N TYR A 16 2.10 20.39 -2.07
CA TYR A 16 2.51 20.23 -0.68
C TYR A 16 4.01 20.05 -0.59
N ASP A 17 4.53 20.00 0.64
CA ASP A 17 5.97 19.90 0.83
C ASP A 17 6.66 18.54 0.72
N THR A 18 6.38 17.63 1.64
CA THR A 18 7.07 16.36 1.60
C THR A 18 6.25 15.08 1.62
N ASN A 19 5.28 14.99 2.52
CA ASN A 19 4.45 13.79 2.66
C ASN A 19 2.99 14.22 2.66
N LEU A 20 2.30 13.96 1.55
CA LEU A 20 0.91 14.36 1.40
C LEU A 20 -0.02 14.18 2.59
N PRO A 21 -0.17 12.95 3.12
CA PRO A 21 -1.06 12.79 4.27
C PRO A 21 -0.65 13.61 5.49
N VAL A 22 0.65 13.66 5.77
CA VAL A 22 1.11 14.44 6.91
C VAL A 22 0.77 15.91 6.71
N ASP A 23 1.05 16.44 5.52
CA ASP A 23 0.78 17.84 5.23
C ASP A 23 -0.73 18.13 5.31
N LEU A 24 -1.55 17.21 4.80
CA LEU A 24 -2.99 17.41 4.85
C LEU A 24 -3.44 17.44 6.31
N LEU A 25 -2.84 16.60 7.15
CA LEU A 25 -3.22 16.58 8.56
C LEU A 25 -2.93 17.94 9.18
N HIS A 26 -1.81 18.55 8.81
CA HIS A 26 -1.46 19.85 9.35
C HIS A 26 -2.55 20.87 9.01
N MET A 27 -3.04 20.81 7.77
CA MET A 27 -4.10 21.72 7.31
C MET A 27 -5.42 21.51 8.06
N VAL A 28 -5.90 20.27 8.14
CA VAL A 28 -7.18 20.03 8.82
C VAL A 28 -7.17 20.40 10.29
N TYR A 29 -6.04 20.22 10.97
CA TYR A 29 -5.95 20.55 12.39
C TYR A 29 -5.68 22.03 12.65
N ALA A 30 -5.31 22.77 11.61
CA ALA A 30 -5.05 24.20 11.79
C ALA A 30 -6.33 24.94 11.46
N GLY A 31 -7.31 24.20 10.96
CA GLY A 31 -8.57 24.80 10.58
C GLY A 31 -9.63 24.94 11.67
N ARG A 32 -10.70 25.62 11.28
CA ARG A 32 -11.86 25.89 12.12
C ARG A 32 -12.38 24.69 12.91
N GLY A 33 -13.12 23.83 12.22
CA GLY A 33 -13.71 22.66 12.84
C GLY A 33 -12.81 21.73 13.65
N ALA A 34 -11.57 22.11 13.86
CA ALA A 34 -10.66 21.28 14.63
C ALA A 34 -10.62 21.68 16.09
N THR A 35 -11.50 22.59 16.49
CA THR A 35 -11.54 23.05 17.87
C THR A 35 -12.90 23.58 18.32
N GLY A 36 -13.12 23.60 19.64
CA GLY A 36 -14.37 24.08 20.19
C GLY A 36 -15.41 22.98 20.33
N SER A 37 -16.57 23.19 19.71
CA SER A 37 -17.64 22.20 19.75
C SER A 37 -17.49 21.35 18.50
N SER A 38 -16.37 21.52 17.81
CA SER A 38 -16.08 20.79 16.60
C SER A 38 -14.74 20.05 16.73
N GLY A 39 -14.65 18.88 16.10
CA GLY A 39 -13.43 18.10 16.15
C GLY A 39 -13.22 17.38 14.84
N VAL A 40 -12.01 16.87 14.62
CA VAL A 40 -11.69 16.14 13.39
C VAL A 40 -11.74 14.66 13.68
N VAL A 41 -12.56 13.94 12.92
CA VAL A 41 -12.68 12.50 13.10
C VAL A 41 -12.26 11.78 11.81
N PHE A 42 -11.97 10.49 11.92
CA PHE A 42 -11.53 9.75 10.76
C PHE A 42 -12.23 8.42 10.57
N GLY A 43 -13.25 8.15 11.38
CA GLY A 43 -13.97 6.89 11.25
C GLY A 43 -13.76 5.98 12.45
N THR A 44 -14.62 4.98 12.59
CA THR A 44 -14.53 4.06 13.72
C THR A 44 -13.26 3.22 13.78
N TRP A 45 -12.74 2.81 12.62
CA TRP A 45 -11.54 1.99 12.64
C TRP A 45 -10.42 2.74 13.35
N TYR A 46 -10.18 3.98 12.94
CA TYR A 46 -9.14 4.75 13.58
C TYR A 46 -9.38 4.98 15.07
N ARG A 47 -10.65 5.13 15.46
CA ARG A 47 -10.96 5.33 16.88
C ARG A 47 -10.50 4.10 17.67
N THR A 48 -10.79 2.93 17.12
CA THR A 48 -10.42 1.68 17.78
C THR A 48 -8.92 1.54 17.93
N ILE A 49 -8.16 1.92 16.92
CA ILE A 49 -6.71 1.82 17.02
C ILE A 49 -6.18 2.81 18.07
N GLN A 50 -6.72 4.02 18.10
CA GLN A 50 -6.23 4.98 19.10
C GLN A 50 -6.55 4.51 20.52
N ASP A 51 -7.79 4.05 20.74
CA ASP A 51 -8.16 3.58 22.07
C ASP A 51 -7.22 2.46 22.49
N ARG A 52 -6.99 1.52 21.57
CA ARG A 52 -6.11 0.39 21.86
C ARG A 52 -4.67 0.83 22.12
N THR A 53 -4.22 1.86 21.41
CA THR A 53 -2.86 2.35 21.59
C THR A 53 -2.67 2.93 23.00
N ILE A 54 -3.68 3.66 23.46
CA ILE A 54 -3.65 4.27 24.78
C ILE A 54 -3.66 3.19 25.87
N THR A 55 -4.55 2.21 25.71
CA THR A 55 -4.66 1.14 26.69
C THR A 55 -3.44 0.24 26.79
N ASP A 56 -2.90 -0.18 25.66
CA ASP A 56 -1.75 -1.08 25.66
C ASP A 56 -0.38 -0.42 25.81
N PHE A 57 -0.30 0.88 25.55
CA PHE A 57 0.97 1.60 25.69
C PHE A 57 0.67 2.97 26.28
N PRO A 58 0.25 3.00 27.55
CA PRO A 58 -0.10 4.20 28.30
C PRO A 58 0.91 5.34 28.20
N LEU A 59 2.18 4.99 28.06
CA LEU A 59 3.24 6.00 27.97
C LEU A 59 3.06 6.91 26.77
N THR A 60 2.25 6.50 25.79
CA THR A 60 2.04 7.34 24.63
C THR A 60 1.30 8.61 25.05
N THR A 61 0.61 8.57 26.19
CA THR A 61 -0.13 9.74 26.64
C THR A 61 0.80 10.91 26.96
N ARG A 62 2.09 10.61 27.09
CA ARG A 62 3.07 11.64 27.37
C ARG A 62 3.64 12.24 26.10
N SER A 63 3.21 11.73 24.95
CA SER A 63 3.70 12.23 23.67
C SER A 63 2.59 12.76 22.79
N ALA A 64 1.35 12.59 23.21
CA ALA A 64 0.22 13.06 22.43
C ALA A 64 -0.90 13.57 23.32
N ASP A 65 -1.81 14.33 22.72
CA ASP A 65 -2.93 14.92 23.45
C ASP A 65 -4.24 14.18 23.17
N PHE A 66 -4.68 13.38 24.14
CA PHE A 66 -5.91 12.62 24.01
C PHE A 66 -7.06 13.18 24.85
N ARG A 67 -7.04 14.48 25.10
CA ARG A 67 -8.09 15.13 25.89
C ARG A 67 -9.43 15.16 25.14
N ASP A 68 -10.53 15.31 25.89
CA ASP A 68 -11.85 15.39 25.29
C ASP A 68 -12.22 14.20 24.41
N GLY A 69 -11.51 13.11 24.56
CA GLY A 69 -11.81 11.94 23.74
C GLY A 69 -11.75 12.26 22.26
N ARG A 70 -10.88 13.18 21.87
CA ARG A 70 -10.76 13.54 20.46
C ARG A 70 -9.63 12.75 19.80
N MET A 71 -9.61 12.78 18.47
CA MET A 71 -8.58 12.08 17.71
C MET A 71 -7.35 12.97 17.68
N SER A 72 -6.23 12.44 18.16
CA SER A 72 -4.97 13.18 18.23
C SER A 72 -4.22 13.28 16.91
N LYS A 73 -3.72 14.47 16.61
CA LYS A 73 -2.97 14.71 15.37
C LYS A 73 -1.63 13.99 15.40
N THR A 74 -0.98 13.99 16.55
CA THR A 74 0.31 13.33 16.69
C THR A 74 0.13 11.84 16.50
N PHE A 75 -0.98 11.32 17.03
CA PHE A 75 -1.27 9.90 16.90
C PHE A 75 -1.47 9.52 15.43
N MET A 76 -2.32 10.26 14.73
CA MET A 76 -2.61 9.95 13.34
C MET A 76 -1.36 10.08 12.45
N THR A 77 -0.45 10.97 12.82
CA THR A 77 0.78 11.16 12.08
C THR A 77 1.63 9.90 12.21
N ALA A 78 1.80 9.43 13.44
CA ALA A 78 2.58 8.24 13.70
C ALA A 78 1.95 7.02 13.01
N LEU A 79 0.62 6.96 13.03
CA LEU A 79 -0.08 5.83 12.42
C LEU A 79 0.09 5.82 10.90
N VAL A 80 -0.05 6.97 10.26
CA VAL A 80 0.11 7.00 8.80
C VAL A 80 1.56 6.64 8.43
N LEU A 81 2.52 7.10 9.23
CA LEU A 81 3.92 6.79 8.94
C LEU A 81 4.12 5.29 9.04
N SER A 82 3.42 4.64 9.98
CA SER A 82 3.55 3.20 10.15
C SER A 82 2.91 2.46 8.98
N LEU A 83 1.78 2.97 8.52
CA LEU A 83 1.10 2.34 7.38
C LEU A 83 2.01 2.46 6.17
N GLN A 84 2.61 3.65 6.00
CA GLN A 84 3.52 3.87 4.89
C GLN A 84 4.75 2.97 5.01
N ALA A 85 5.11 2.60 6.23
CA ALA A 85 6.28 1.76 6.46
C ALA A 85 6.05 0.26 6.23
N CYS A 86 4.79 -0.17 6.19
CA CYS A 86 4.45 -1.58 5.99
C CYS A 86 5.25 -2.32 4.91
N GLY A 87 5.34 -1.71 3.73
CA GLY A 87 6.05 -2.36 2.64
C GLY A 87 7.46 -1.87 2.41
N ARG A 88 8.03 -1.15 3.37
CA ARG A 88 9.38 -0.65 3.21
C ARG A 88 10.44 -1.67 3.61
N LEU A 89 11.53 -1.66 2.88
CA LEU A 89 12.64 -2.57 3.12
C LEU A 89 13.77 -1.71 3.71
N TYR A 90 13.99 -1.80 5.01
CA TYR A 90 15.03 -1.01 5.63
C TYR A 90 16.36 -1.75 5.69
N VAL A 91 16.31 -3.01 6.08
CA VAL A 91 17.51 -3.81 6.16
C VAL A 91 17.88 -4.36 4.78
N GLY A 92 19.18 -4.40 4.49
CA GLY A 92 19.63 -4.91 3.21
C GLY A 92 20.13 -3.87 2.23
N GLN A 93 21.24 -4.19 1.58
CA GLN A 93 21.85 -3.30 0.59
C GLN A 93 21.24 -3.66 -0.74
N ARG A 94 20.58 -2.70 -1.39
CA ARG A 94 19.93 -2.95 -2.66
C ARG A 94 19.99 -1.71 -3.53
N HIS A 95 19.78 -1.89 -4.83
CA HIS A 95 19.81 -0.76 -5.75
C HIS A 95 18.53 -0.61 -6.52
N TYR A 96 17.54 -1.41 -6.17
CA TYR A 96 16.24 -1.35 -6.83
C TYR A 96 15.17 -1.54 -5.78
N SER A 97 14.04 -0.86 -5.97
CA SER A 97 12.92 -0.97 -5.05
C SER A 97 12.00 -2.11 -5.52
N ALA A 98 11.20 -2.62 -4.60
CA ALA A 98 10.25 -3.68 -4.90
C ALA A 98 9.28 -3.15 -5.96
N PHE A 99 8.98 -1.86 -5.88
CA PHE A 99 8.07 -1.23 -6.82
C PHE A 99 8.64 -1.25 -8.24
N GLU A 100 9.92 -0.93 -8.39
CA GLU A 100 10.51 -0.95 -9.72
C GLU A 100 10.54 -2.38 -10.26
N CYS A 101 10.89 -3.34 -9.41
CA CYS A 101 10.94 -4.74 -9.83
C CYS A 101 9.56 -5.20 -10.30
N ALA A 102 8.55 -4.83 -9.53
CA ALA A 102 7.18 -5.20 -9.84
C ALA A 102 6.76 -4.64 -11.20
N VAL A 103 7.16 -3.41 -11.49
CA VAL A 103 6.80 -2.79 -12.76
C VAL A 103 7.47 -3.53 -13.92
N LEU A 104 8.75 -3.85 -13.76
CA LEU A 104 9.48 -4.56 -14.80
C LEU A 104 8.92 -5.98 -15.02
N CYS A 105 8.51 -6.64 -13.94
CA CYS A 105 7.97 -7.99 -14.07
C CYS A 105 6.62 -7.96 -14.81
N LEU A 106 5.77 -7.00 -14.46
CA LEU A 106 4.47 -6.87 -15.09
C LEU A 106 4.66 -6.55 -16.57
N TYR A 107 5.62 -5.68 -16.87
CA TYR A 107 5.91 -5.33 -18.25
C TYR A 107 6.30 -6.60 -19.03
N LEU A 108 7.26 -7.34 -18.51
CA LEU A 108 7.72 -8.56 -19.15
C LEU A 108 6.61 -9.61 -19.30
N LEU A 109 5.78 -9.78 -18.28
CA LEU A 109 4.69 -10.74 -18.36
C LEU A 109 3.78 -10.40 -19.53
N TYR A 110 3.45 -9.12 -19.66
CA TYR A 110 2.60 -8.61 -20.73
C TYR A 110 3.24 -8.93 -22.08
N ARG A 111 4.52 -8.61 -22.20
CA ARG A 111 5.26 -8.87 -23.42
C ARG A 111 5.27 -10.37 -23.78
N ASN A 112 5.48 -11.22 -22.77
CA ASN A 112 5.52 -12.67 -22.98
C ASN A 112 4.16 -13.33 -23.22
N THR A 113 3.09 -12.71 -22.75
CA THR A 113 1.77 -13.31 -22.92
C THR A 113 0.92 -12.60 -23.99
N HIS A 114 0.66 -11.31 -23.78
CA HIS A 114 -0.14 -10.55 -24.72
C HIS A 114 0.67 -10.19 -25.96
N GLY A 115 1.22 -8.98 -25.98
CA GLY A 115 2.00 -8.51 -27.11
C GLY A 115 2.82 -9.58 -27.80
N ARG A 122 5.45 2.44 -30.50
CA ARG A 122 4.53 2.14 -29.43
C ARG A 122 5.22 1.39 -28.29
N ALA A 123 6.39 0.81 -28.57
CA ALA A 123 7.14 0.07 -27.56
C ALA A 123 7.74 1.02 -26.53
N PRO A 124 7.48 0.76 -25.23
CA PRO A 124 8.00 1.60 -24.14
C PRO A 124 9.51 1.73 -24.21
N VAL A 125 10.03 2.90 -23.88
CA VAL A 125 11.46 3.12 -23.91
C VAL A 125 12.05 3.52 -22.56
N THR A 126 11.25 4.19 -21.75
CA THR A 126 11.71 4.62 -20.43
C THR A 126 10.87 3.99 -19.33
N PHE A 127 11.40 3.98 -18.12
CA PHE A 127 10.66 3.38 -17.00
C PHE A 127 9.36 4.14 -16.85
N GLY A 128 9.41 5.44 -17.13
CA GLY A 128 8.23 6.29 -17.04
C GLY A 128 7.14 5.78 -17.94
N ASP A 129 7.52 5.32 -19.14
CA ASP A 129 6.55 4.79 -20.08
C ASP A 129 5.84 3.61 -19.44
N LEU A 130 6.61 2.72 -18.80
CA LEU A 130 6.05 1.54 -18.15
C LEU A 130 5.03 1.89 -17.06
N LEU A 131 5.33 2.88 -16.23
CA LEU A 131 4.41 3.27 -15.18
C LEU A 131 3.08 3.69 -15.77
N GLY A 132 3.15 4.44 -16.86
CA GLY A 132 1.94 4.90 -17.50
C GLY A 132 1.06 3.77 -18.01
N ARG A 133 1.67 2.64 -18.35
CA ARG A 133 0.89 1.51 -18.88
C ARG A 133 0.60 0.42 -17.85
N LEU A 134 0.79 0.76 -16.58
CA LEU A 134 0.57 -0.20 -15.50
C LEU A 134 -0.80 -0.87 -15.52
N PRO A 135 -1.88 -0.11 -15.76
CA PRO A 135 -3.21 -0.72 -15.79
C PRO A 135 -3.40 -1.88 -16.77
N ARG A 136 -2.92 -1.73 -18.00
CA ARG A 136 -3.05 -2.81 -18.99
C ARG A 136 -2.22 -4.01 -18.58
N TYR A 137 -1.09 -3.78 -17.91
CA TYR A 137 -0.22 -4.87 -17.46
C TYR A 137 -0.92 -5.62 -16.33
N LEU A 138 -1.59 -4.85 -15.48
CA LEU A 138 -2.33 -5.38 -14.35
C LEU A 138 -3.54 -6.17 -14.82
N ALA A 139 -4.19 -5.70 -15.87
CA ALA A 139 -5.36 -6.39 -16.41
C ALA A 139 -4.88 -7.72 -17.00
N CYS A 140 -3.72 -7.68 -17.64
CA CYS A 140 -3.12 -8.85 -18.24
C CYS A 140 -2.85 -9.90 -17.16
N LEU A 141 -2.23 -9.46 -16.08
CA LEU A 141 -1.93 -10.33 -14.95
C LEU A 141 -3.21 -11.00 -14.46
N ALA A 142 -4.23 -10.19 -14.24
CA ALA A 142 -5.53 -10.68 -13.78
C ALA A 142 -6.11 -11.76 -14.71
N ALA A 143 -6.09 -11.50 -16.02
CA ALA A 143 -6.62 -12.46 -16.99
C ALA A 143 -5.79 -13.74 -16.99
N VAL A 144 -4.48 -13.59 -16.91
CA VAL A 144 -3.58 -14.73 -16.91
C VAL A 144 -3.78 -15.60 -15.66
N ILE A 145 -3.95 -14.96 -14.52
CA ILE A 145 -4.16 -15.69 -13.28
C ILE A 145 -5.51 -16.39 -13.36
N GLY A 146 -6.53 -15.63 -13.73
CA GLY A 146 -7.87 -16.18 -13.83
C GLY A 146 -8.62 -16.05 -12.53
N THR A 147 -9.93 -16.32 -12.58
CA THR A 147 -10.76 -16.22 -11.38
C THR A 147 -11.49 -17.56 -11.22
N GLU A 148 -10.86 -18.61 -11.73
CA GLU A 148 -11.42 -19.96 -11.65
C GLU A 148 -10.41 -20.93 -11.02
N GLY A 149 -10.69 -22.23 -11.12
CA GLY A 149 -9.79 -23.22 -10.55
C GLY A 149 -10.01 -23.31 -9.06
N GLY A 150 -10.44 -22.20 -8.46
CA GLY A 150 -10.69 -22.18 -7.05
C GLY A 150 -9.47 -22.05 -6.16
N ARG A 151 -9.43 -20.94 -5.43
CA ARG A 151 -8.35 -20.65 -4.50
C ARG A 151 -6.99 -20.18 -5.03
N PRO A 152 -6.95 -19.07 -5.79
CA PRO A 152 -5.62 -18.67 -6.27
C PRO A 152 -4.89 -18.35 -4.97
N GLN A 153 -3.76 -19.02 -4.74
CA GLN A 153 -2.99 -18.87 -3.50
C GLN A 153 -1.98 -17.70 -3.45
N TYR A 154 -2.40 -16.57 -2.90
CA TYR A 154 -1.50 -15.41 -2.76
C TYR A 154 -0.81 -15.45 -1.41
N ARG A 155 -0.16 -16.57 -1.13
CA ARG A 155 0.55 -16.74 0.14
C ARG A 155 1.78 -17.60 -0.10
N TYR A 156 2.69 -17.55 0.85
CA TYR A 156 3.93 -18.31 0.75
C TYR A 156 3.82 -19.51 1.68
N ARG A 157 4.88 -20.29 1.78
CA ARG A 157 4.85 -21.44 2.67
C ARG A 157 5.45 -20.96 3.98
N ASP A 158 4.57 -20.44 4.84
CA ASP A 158 4.99 -19.90 6.13
C ASP A 158 5.82 -20.88 6.94
N ASP A 159 5.57 -22.18 6.75
CA ASP A 159 6.32 -23.20 7.47
C ASP A 159 7.77 -23.17 7.02
N LYS A 160 8.00 -22.59 5.84
CA LYS A 160 9.35 -22.48 5.29
C LYS A 160 9.95 -21.07 5.40
N LEU A 161 9.24 -20.15 6.07
CA LEU A 161 9.75 -18.78 6.22
C LEU A 161 10.00 -18.44 7.69
N PRO A 162 10.93 -17.50 7.95
CA PRO A 162 11.24 -17.10 9.33
C PRO A 162 9.95 -16.69 10.05
N LYS A 163 9.93 -16.83 11.37
CA LYS A 163 8.73 -16.47 12.13
C LYS A 163 8.69 -15.02 12.61
N THR A 164 9.83 -14.49 13.03
CA THR A 164 9.86 -13.13 13.56
C THR A 164 10.74 -12.15 12.79
N GLN A 165 11.11 -12.51 11.57
CA GLN A 165 11.92 -11.63 10.72
C GLN A 165 11.31 -11.66 9.35
N PHE A 166 11.39 -10.55 8.62
CA PHE A 166 10.82 -10.53 7.29
C PHE A 166 11.89 -10.97 6.30
N ALA A 167 13.06 -10.34 6.39
CA ALA A 167 14.17 -10.59 5.48
C ALA A 167 14.82 -11.97 5.53
N ALA A 168 15.33 -12.39 4.37
CA ALA A 168 16.02 -13.66 4.25
C ALA A 168 17.45 -13.39 4.69
N GLY A 169 17.89 -14.08 5.73
CA GLY A 169 19.24 -13.90 6.25
C GLY A 169 20.33 -13.60 5.24
N GLY A 170 20.73 -14.61 4.48
CA GLY A 170 21.78 -14.41 3.51
C GLY A 170 21.32 -14.27 2.08
N GLY A 171 20.20 -13.60 1.88
CA GLY A 171 19.69 -13.41 0.53
C GLY A 171 18.79 -14.52 0.05
N ARG A 172 18.72 -15.62 0.80
CA ARG A 172 17.87 -16.75 0.41
C ARG A 172 17.02 -17.34 1.53
N TYR A 173 15.77 -17.68 1.21
CA TYR A 173 14.89 -18.32 2.18
C TYR A 173 15.02 -19.83 1.93
N GLU A 174 14.42 -20.63 2.80
CA GLU A 174 14.43 -22.07 2.67
C GLU A 174 13.94 -22.41 1.25
N HIS A 175 14.50 -23.46 0.66
CA HIS A 175 14.08 -23.87 -0.67
C HIS A 175 12.57 -24.06 -0.73
N GLY A 176 11.95 -23.51 -1.77
CA GLY A 176 10.50 -23.64 -1.94
C GLY A 176 9.60 -22.73 -1.10
N ALA A 177 10.21 -21.86 -0.30
CA ALA A 177 9.43 -20.98 0.55
C ALA A 177 8.55 -20.02 -0.25
N LEU A 178 9.06 -19.57 -1.38
CA LEU A 178 8.35 -18.61 -2.22
C LEU A 178 7.70 -19.19 -3.48
N ALA A 179 8.33 -20.23 -4.01
CA ALA A 179 7.89 -20.88 -5.23
C ALA A 179 6.39 -21.11 -5.45
N SER A 180 5.63 -21.34 -4.39
CA SER A 180 4.20 -21.62 -4.55
C SER A 180 3.21 -20.46 -4.61
N HIS A 181 3.65 -19.24 -4.32
CA HIS A 181 2.79 -18.07 -4.39
C HIS A 181 2.36 -17.95 -5.86
N ILE A 182 1.06 -17.78 -6.09
CA ILE A 182 0.55 -17.71 -7.45
C ILE A 182 1.26 -16.69 -8.35
N VAL A 183 1.66 -15.55 -7.80
CA VAL A 183 2.33 -14.55 -8.61
C VAL A 183 3.69 -15.03 -9.06
N ILE A 184 4.42 -15.67 -8.15
CA ILE A 184 5.74 -16.14 -8.49
C ILE A 184 5.65 -17.32 -9.44
N ALA A 185 4.73 -18.25 -9.18
CA ALA A 185 4.55 -19.40 -10.05
C ALA A 185 4.15 -18.94 -11.46
N THR A 186 3.35 -17.87 -11.54
CA THR A 186 2.93 -17.33 -12.83
C THR A 186 4.12 -16.73 -13.59
N LEU A 187 4.94 -15.93 -12.90
CA LEU A 187 6.11 -15.32 -13.54
C LEU A 187 7.10 -16.39 -14.02
N MET A 188 7.21 -17.50 -13.29
CA MET A 188 8.13 -18.56 -13.71
C MET A 188 7.51 -19.29 -14.89
N HIS A 189 6.22 -19.61 -14.77
CA HIS A 189 5.50 -20.31 -15.84
C HIS A 189 5.65 -19.57 -17.15
N HIS A 190 5.60 -18.23 -17.11
CA HIS A 190 5.71 -17.47 -18.34
C HIS A 190 7.07 -16.90 -18.72
N GLY A 191 8.13 -17.49 -18.19
CA GLY A 191 9.48 -17.06 -18.53
C GLY A 191 9.95 -15.70 -18.06
N VAL A 192 9.21 -15.04 -17.18
CA VAL A 192 9.65 -13.74 -16.71
C VAL A 192 10.76 -13.90 -15.67
N LEU A 193 10.50 -14.75 -14.68
CA LEU A 193 11.45 -15.01 -13.62
C LEU A 193 12.12 -16.35 -13.93
N PRO A 194 13.44 -16.44 -13.72
CA PRO A 194 14.15 -17.71 -14.00
C PRO A 194 13.73 -18.76 -13.01
N ALA A 195 14.14 -20.00 -13.28
CA ALA A 195 13.86 -21.12 -12.40
C ALA A 195 14.55 -20.80 -11.08
N ALA A 196 13.97 -21.27 -9.98
CA ALA A 196 14.55 -21.03 -8.67
C ALA A 196 15.88 -21.77 -8.47
N PRO A 197 16.74 -21.24 -7.59
CA PRO A 197 18.04 -21.86 -7.30
C PRO A 197 17.77 -23.29 -6.83
N GLY A 198 18.71 -24.21 -7.09
CA GLY A 198 18.49 -25.57 -6.63
C GLY A 198 18.76 -25.72 -5.16
N ASP A 199 18.66 -26.94 -4.65
CA ASP A 199 18.93 -27.21 -3.25
C ASP A 199 19.90 -28.38 -3.06
N VAL A 200 20.91 -28.46 -3.91
CA VAL A 200 21.89 -29.54 -3.80
C VAL A 200 23.30 -28.98 -3.97
N PRO A 201 24.20 -29.30 -3.02
CA PRO A 201 25.60 -28.83 -3.03
C PRO A 201 26.33 -29.02 -4.35
N VAL A 213 26.92 -12.15 -16.72
CA VAL A 213 26.93 -13.32 -15.84
C VAL A 213 25.72 -14.23 -16.15
N ALA A 214 24.53 -13.79 -15.77
CA ALA A 214 23.31 -14.56 -16.01
C ALA A 214 22.60 -14.03 -17.26
N HIS A 215 23.00 -14.56 -18.42
CA HIS A 215 22.45 -14.14 -19.69
C HIS A 215 20.98 -14.48 -19.89
N HIS A 216 20.47 -15.42 -19.10
CA HIS A 216 19.09 -15.83 -19.23
C HIS A 216 18.11 -15.16 -18.27
N ASP A 217 18.53 -14.08 -17.62
CA ASP A 217 17.64 -13.37 -16.69
C ASP A 217 17.03 -12.13 -17.34
N ASP A 218 15.82 -12.25 -17.89
CA ASP A 218 15.17 -11.12 -18.54
C ASP A 218 14.90 -9.92 -17.64
N ILE A 219 14.71 -10.17 -16.35
CA ILE A 219 14.43 -9.08 -15.42
C ILE A 219 15.66 -8.18 -15.25
N ASN A 220 16.81 -8.81 -15.07
CA ASN A 220 18.06 -8.08 -14.92
C ASN A 220 18.31 -7.27 -16.19
N ARG A 221 18.06 -7.90 -17.33
CA ARG A 221 18.22 -7.26 -18.62
C ARG A 221 17.31 -6.03 -18.74
N ALA A 222 16.03 -6.20 -18.43
CA ALA A 222 15.09 -5.09 -18.50
C ALA A 222 15.51 -3.98 -17.54
N ALA A 223 15.96 -4.36 -16.35
CA ALA A 223 16.38 -3.38 -15.37
C ALA A 223 17.53 -2.55 -15.98
N ALA A 224 18.48 -3.25 -16.58
CA ALA A 224 19.63 -2.60 -17.20
C ALA A 224 19.15 -1.59 -18.24
N ALA A 225 18.22 -2.03 -19.08
CA ALA A 225 17.67 -1.19 -20.15
C ALA A 225 16.82 0.00 -19.69
N PHE A 226 15.88 -0.22 -18.78
CA PHE A 226 15.01 0.87 -18.34
C PHE A 226 15.54 1.76 -17.23
N LEU A 227 16.48 1.28 -16.42
CA LEU A 227 16.98 2.10 -15.33
C LEU A 227 18.47 2.40 -15.46
N SER A 228 19.18 1.60 -16.26
CA SER A 228 20.62 1.78 -16.50
C SER A 228 21.42 2.28 -15.29
N ARG A 229 21.49 1.46 -14.25
CA ARG A 229 22.24 1.81 -13.04
C ARG A 229 23.48 0.96 -12.90
N GLY A 230 23.72 0.08 -13.87
CA GLY A 230 24.90 -0.76 -13.82
C GLY A 230 24.99 -1.67 -12.61
N HIS A 231 23.84 -2.07 -12.07
CA HIS A 231 23.82 -2.96 -10.93
C HIS A 231 23.00 -4.18 -11.32
N ASN A 232 23.48 -5.37 -10.99
CA ASN A 232 22.73 -6.57 -11.34
C ASN A 232 21.48 -6.67 -10.48
N LEU A 233 20.43 -7.28 -11.05
CA LEU A 233 19.18 -7.48 -10.34
C LEU A 233 18.81 -8.94 -10.55
N PHE A 234 19.25 -9.78 -9.63
CA PHE A 234 19.00 -11.20 -9.67
C PHE A 234 18.10 -11.51 -8.47
N LEU A 235 16.80 -11.45 -8.72
CA LEU A 235 15.80 -11.66 -7.68
C LEU A 235 15.94 -12.93 -6.84
N TRP A 236 16.40 -14.02 -7.45
CA TRP A 236 16.56 -15.26 -6.71
C TRP A 236 17.77 -15.20 -5.79
N GLU A 237 18.58 -14.15 -5.95
CA GLU A 237 19.76 -13.95 -5.10
C GLU A 237 19.48 -12.93 -4.00
N ASP A 238 18.35 -12.23 -4.11
CA ASP A 238 17.94 -11.23 -3.11
C ASP A 238 16.46 -11.57 -2.93
N GLN A 239 16.20 -12.67 -2.24
CA GLN A 239 14.83 -13.14 -2.09
C GLN A 239 13.92 -12.30 -1.22
N THR A 240 14.52 -11.42 -0.42
CA THR A 240 13.73 -10.53 0.40
C THR A 240 13.06 -9.60 -0.61
N LEU A 241 13.85 -9.12 -1.58
CA LEU A 241 13.32 -8.23 -2.59
C LEU A 241 12.29 -8.95 -3.48
N LEU A 242 12.51 -10.24 -3.73
CA LEU A 242 11.57 -11.01 -4.55
C LEU A 242 10.24 -11.12 -3.83
N ARG A 243 10.30 -11.42 -2.53
CA ARG A 243 9.09 -11.55 -1.72
C ARG A 243 8.35 -10.21 -1.72
N ALA A 244 9.08 -9.12 -1.54
CA ALA A 244 8.48 -7.79 -1.55
C ALA A 244 7.93 -7.47 -2.94
N THR A 245 8.60 -7.97 -3.98
CA THR A 245 8.17 -7.71 -5.35
C THR A 245 6.83 -8.41 -5.63
N ALA A 246 6.75 -9.68 -5.25
CA ALA A 246 5.53 -10.44 -5.43
C ALA A 246 4.40 -9.79 -4.63
N ASN A 247 4.71 -9.26 -3.44
CA ASN A 247 3.68 -8.59 -2.63
C ASN A 247 3.19 -7.30 -3.29
N THR A 248 4.13 -6.53 -3.85
CA THR A 248 3.80 -5.27 -4.53
C THR A 248 2.89 -5.56 -5.73
N ILE A 249 3.22 -6.59 -6.50
CA ILE A 249 2.41 -6.96 -7.65
C ILE A 249 1.03 -7.34 -7.13
N THR A 250 0.98 -8.15 -6.08
CA THR A 250 -0.30 -8.55 -5.51
C THR A 250 -1.11 -7.31 -5.06
N ALA A 251 -0.43 -6.35 -4.45
CA ALA A 251 -1.09 -5.12 -3.99
C ALA A 251 -1.60 -4.27 -5.17
N LEU A 252 -0.84 -4.19 -6.25
CA LEU A 252 -1.29 -3.40 -7.40
C LEU A 252 -2.55 -4.04 -8.00
N GLY A 253 -2.60 -5.36 -8.00
CA GLY A 253 -3.76 -6.06 -8.52
C GLY A 253 -4.98 -5.74 -7.67
N VAL A 254 -4.79 -5.63 -6.36
CA VAL A 254 -5.87 -5.31 -5.46
C VAL A 254 -6.34 -3.87 -5.69
N ILE A 255 -5.40 -2.95 -5.88
CA ILE A 255 -5.77 -1.56 -6.12
C ILE A 255 -6.59 -1.46 -7.41
N GLN A 256 -6.11 -2.10 -8.46
CA GLN A 256 -6.81 -2.11 -9.75
C GLN A 256 -8.24 -2.60 -9.57
N ARG A 257 -8.40 -3.64 -8.75
CA ARG A 257 -9.71 -4.21 -8.49
C ARG A 257 -10.62 -3.25 -7.75
N LEU A 258 -10.09 -2.64 -6.69
CA LEU A 258 -10.84 -1.67 -5.88
C LEU A 258 -11.29 -0.47 -6.70
N LEU A 259 -10.47 -0.05 -7.66
CA LEU A 259 -10.80 1.11 -8.46
C LEU A 259 -11.55 0.79 -9.76
N ALA A 260 -11.71 -0.48 -10.07
CA ALA A 260 -12.41 -0.89 -11.30
C ALA A 260 -13.81 -0.30 -11.45
N ASN A 261 -14.08 0.27 -12.62
CA ASN A 261 -15.39 0.85 -12.93
C ASN A 261 -15.87 1.82 -11.84
N GLY A 262 -14.98 2.69 -11.37
CA GLY A 262 -15.38 3.62 -10.34
C GLY A 262 -15.98 4.90 -10.91
N ASN A 263 -17.02 5.39 -10.25
CA ASN A 263 -17.66 6.63 -10.69
C ASN A 263 -17.28 7.73 -9.71
N VAL A 264 -16.17 8.40 -9.99
CA VAL A 264 -15.68 9.47 -9.15
C VAL A 264 -16.48 10.76 -9.33
N TYR A 265 -17.50 10.70 -10.18
CA TYR A 265 -18.32 11.87 -10.46
C TYR A 265 -19.71 11.78 -9.84
N ALA A 266 -19.94 10.75 -9.02
CA ALA A 266 -21.23 10.59 -8.37
C ALA A 266 -21.55 11.84 -7.54
N ASP A 267 -22.77 11.90 -7.02
CA ASP A 267 -23.21 13.04 -6.21
C ASP A 267 -22.18 13.46 -5.15
N ARG A 268 -21.60 14.64 -5.34
CA ARG A 268 -20.60 15.19 -4.43
C ARG A 268 -21.03 15.15 -2.97
N LEU A 269 -22.34 15.21 -2.72
CA LEU A 269 -22.85 15.19 -1.36
C LEU A 269 -22.88 13.80 -0.75
N ASN A 270 -22.38 12.81 -1.48
CA ASN A 270 -22.37 11.44 -0.96
C ASN A 270 -20.94 11.05 -0.59
N ASN A 271 -20.04 12.03 -0.69
CA ASN A 271 -18.63 11.83 -0.36
C ASN A 271 -18.31 12.19 1.09
N ARG A 272 -17.73 11.26 1.83
CA ARG A 272 -17.36 11.52 3.22
C ARG A 272 -16.31 12.62 3.19
N LEU A 273 -15.54 12.66 2.12
CA LEU A 273 -14.49 13.64 1.96
C LEU A 273 -15.02 14.92 1.34
N GLN A 274 -14.84 16.04 2.04
CA GLN A 274 -15.27 17.34 1.56
C GLN A 274 -14.10 18.32 1.69
N LEU A 275 -13.25 18.36 0.66
CA LEU A 275 -12.09 19.25 0.67
C LEU A 275 -12.49 20.70 0.92
N GLY A 276 -13.72 21.04 0.55
CA GLY A 276 -14.19 22.40 0.74
C GLY A 276 -14.36 22.74 2.19
N MET A 277 -14.86 21.79 2.99
CA MET A 277 -15.06 22.03 4.41
C MET A 277 -13.76 21.91 5.20
N LEU A 278 -12.85 21.06 4.72
CA LEU A 278 -11.58 20.86 5.41
C LEU A 278 -10.61 22.03 5.26
N ILE A 279 -10.53 22.57 4.04
CA ILE A 279 -9.65 23.71 3.78
C ILE A 279 -10.45 24.79 3.05
N PRO A 280 -11.28 25.54 3.81
CA PRO A 280 -12.14 26.62 3.31
C PRO A 280 -11.43 27.67 2.45
N GLY A 281 -11.81 27.72 1.17
CA GLY A 281 -11.23 28.69 0.27
C GLY A 281 -10.14 28.17 -0.66
N ALA A 282 -9.26 27.31 -0.15
CA ALA A 282 -8.17 26.78 -0.97
C ALA A 282 -8.68 25.95 -2.13
N VAL A 283 -9.98 26.01 -2.36
CA VAL A 283 -10.63 25.27 -3.43
C VAL A 283 -11.31 26.20 -4.45
N SER A 293 -20.63 18.72 -16.47
CA SER A 293 -19.57 19.39 -17.21
C SER A 293 -19.66 19.05 -18.70
N GLY A 294 -18.52 19.14 -19.39
CA GLY A 294 -18.48 18.86 -20.81
C GLY A 294 -17.24 18.11 -21.26
N SER A 295 -16.34 17.83 -20.32
CA SER A 295 -15.11 17.11 -20.63
C SER A 295 -15.47 15.64 -20.82
N ASP A 296 -15.32 15.14 -22.05
CA ASP A 296 -15.66 13.74 -22.35
C ASP A 296 -14.68 12.80 -21.65
N SER A 297 -14.54 13.01 -20.35
CA SER A 297 -13.67 12.23 -19.48
C SER A 297 -13.76 10.74 -19.77
N GLY A 298 -14.98 10.27 -19.96
CA GLY A 298 -15.20 8.86 -20.24
C GLY A 298 -16.59 8.45 -19.80
N ALA A 299 -16.83 7.15 -19.72
CA ALA A 299 -18.13 6.64 -19.32
C ALA A 299 -18.22 6.48 -17.80
N ILE A 300 -19.44 6.43 -17.28
CA ILE A 300 -19.65 6.28 -15.84
C ILE A 300 -19.10 4.93 -15.38
N LYS A 301 -19.37 3.89 -16.19
CA LYS A 301 -18.87 2.55 -15.89
C LYS A 301 -17.45 2.49 -16.46
N SER A 302 -16.60 3.39 -15.94
CA SER A 302 -15.20 3.52 -16.36
C SER A 302 -14.45 2.21 -16.29
N GLY A 303 -13.30 2.16 -16.95
CA GLY A 303 -12.52 0.93 -16.90
C GLY A 303 -11.48 1.10 -15.82
N ASP A 304 -10.25 1.28 -16.25
CA ASP A 304 -9.15 1.50 -15.33
C ASP A 304 -8.76 2.96 -15.55
N ASN A 305 -9.73 3.75 -16.00
CA ASN A 305 -9.49 5.18 -16.27
C ASN A 305 -8.98 5.94 -15.05
N ASN A 306 -9.60 5.70 -13.90
CA ASN A 306 -9.18 6.40 -12.71
C ASN A 306 -7.80 5.93 -12.29
N LEU A 307 -7.53 4.63 -12.47
CA LEU A 307 -6.23 4.07 -12.13
C LEU A 307 -5.24 4.65 -13.13
N GLU A 308 -5.64 4.69 -14.38
CA GLU A 308 -4.76 5.21 -15.42
C GLU A 308 -4.31 6.62 -15.08
N ALA A 309 -5.27 7.43 -14.64
CA ALA A 309 -5.01 8.82 -14.26
C ALA A 309 -4.09 8.90 -13.01
N LEU A 310 -4.32 8.01 -12.04
CA LEU A 310 -3.50 7.99 -10.83
C LEU A 310 -2.04 7.73 -11.17
N CYS A 311 -1.82 6.73 -12.02
CA CYS A 311 -0.48 6.38 -12.43
C CYS A 311 0.21 7.59 -13.06
N ALA A 312 -0.51 8.23 -13.97
CA ALA A 312 0.04 9.38 -14.67
C ALA A 312 0.19 10.65 -13.83
N ASN A 313 -0.80 10.96 -13.02
CA ASN A 313 -0.75 12.20 -12.23
C ASN A 313 -0.48 12.11 -10.73
N TYR A 314 -0.24 10.91 -10.21
CA TYR A 314 0.06 10.74 -8.79
C TYR A 314 1.29 9.86 -8.62
N VAL A 315 1.21 8.62 -9.10
CA VAL A 315 2.32 7.70 -8.99
C VAL A 315 3.61 8.20 -9.68
N LEU A 316 3.50 8.57 -10.95
CA LEU A 316 4.66 9.04 -11.71
C LEU A 316 5.38 10.24 -11.07
N PRO A 317 4.64 11.32 -10.78
CA PRO A 317 5.33 12.46 -10.16
C PRO A 317 6.02 12.09 -8.83
N LEU A 318 5.37 11.24 -8.03
CA LEU A 318 5.98 10.86 -6.76
C LEU A 318 7.22 10.00 -6.97
N TYR A 319 7.16 9.10 -7.95
CA TYR A 319 8.28 8.23 -8.26
C TYR A 319 9.51 9.01 -8.73
N ARG A 320 9.30 10.00 -9.61
CA ARG A 320 10.42 10.78 -10.12
C ARG A 320 11.09 11.57 -9.01
N ALA A 321 10.29 12.11 -8.10
CA ALA A 321 10.81 12.87 -6.98
C ALA A 321 11.58 11.95 -6.04
N ASP A 322 11.17 10.68 -5.99
CA ASP A 322 11.83 9.71 -5.12
C ASP A 322 11.70 8.29 -5.67
N PRO A 323 12.67 7.86 -6.50
CA PRO A 323 12.71 6.53 -7.12
C PRO A 323 12.87 5.35 -6.16
N ALA A 324 13.08 5.63 -4.88
CA ALA A 324 13.20 4.55 -3.91
C ALA A 324 11.86 4.27 -3.23
N VAL A 325 10.86 5.07 -3.58
CA VAL A 325 9.54 4.95 -2.96
C VAL A 325 8.89 3.57 -3.17
N GLU A 326 8.17 3.09 -2.16
CA GLU A 326 7.53 1.78 -2.25
C GLU A 326 6.01 1.91 -2.23
N LEU A 327 5.34 0.85 -2.64
CA LEU A 327 3.89 0.89 -2.73
C LEU A 327 3.15 1.41 -1.50
N THR A 328 3.47 0.92 -0.31
CA THR A 328 2.78 1.37 0.88
C THR A 328 3.01 2.86 1.17
N GLN A 329 4.13 3.41 0.72
CA GLN A 329 4.36 4.84 0.92
C GLN A 329 3.39 5.58 0.01
N LEU A 330 3.20 5.06 -1.20
CA LEU A 330 2.28 5.68 -2.14
C LEU A 330 0.84 5.48 -1.69
N PHE A 331 0.53 4.27 -1.22
CA PHE A 331 -0.84 3.95 -0.84
C PHE A 331 -1.02 3.38 0.56
N PRO A 332 -0.89 4.23 1.59
CA PRO A 332 -1.05 3.77 2.98
C PRO A 332 -2.45 3.23 3.22
N GLY A 333 -3.43 3.72 2.45
CA GLY A 333 -4.79 3.24 2.61
C GLY A 333 -4.91 1.77 2.26
N LEU A 334 -4.14 1.33 1.27
CA LEU A 334 -4.16 -0.08 0.87
C LEU A 334 -3.64 -0.92 2.04
N ALA A 335 -2.61 -0.42 2.71
CA ALA A 335 -2.03 -1.13 3.85
C ALA A 335 -3.09 -1.30 4.95
N ALA A 336 -3.84 -0.24 5.22
CA ALA A 336 -4.87 -0.29 6.25
C ALA A 336 -5.93 -1.35 5.92
N LEU A 337 -6.37 -1.40 4.65
CA LEU A 337 -7.38 -2.38 4.24
C LEU A 337 -6.83 -3.77 4.41
N CYS A 338 -5.56 -3.95 4.03
CA CYS A 338 -4.93 -5.25 4.16
C CYS A 338 -4.83 -5.68 5.62
N LEU A 339 -4.41 -4.77 6.49
CA LEU A 339 -4.30 -5.09 7.91
C LEU A 339 -5.66 -5.44 8.47
N ASP A 340 -6.68 -4.72 8.06
CA ASP A 340 -8.03 -4.99 8.55
C ASP A 340 -8.52 -6.37 8.13
N ALA A 341 -7.96 -6.91 7.05
CA ALA A 341 -8.38 -8.21 6.57
C ALA A 341 -7.79 -9.38 7.36
N GLN A 342 -6.67 -9.19 8.07
CA GLN A 342 -6.08 -10.30 8.81
C GLN A 342 -6.54 -10.36 10.27
N ALA A 343 -6.27 -11.49 10.93
CA ALA A 343 -6.72 -11.67 12.31
C ALA A 343 -5.67 -11.43 13.39
N GLY A 344 -4.46 -11.08 12.99
CA GLY A 344 -3.41 -10.84 13.97
C GLY A 344 -2.67 -12.11 14.32
N ARG A 345 -1.52 -11.99 14.97
CA ARG A 345 -0.74 -13.16 15.35
C ARG A 345 -1.02 -13.56 16.80
N ARG A 351 -6.77 -19.90 30.15
CA ARG A 351 -8.06 -19.23 30.19
C ARG A 351 -7.93 -17.72 30.39
N ARG A 352 -7.02 -17.11 29.64
CA ARG A 352 -6.84 -15.66 29.74
C ARG A 352 -7.96 -15.00 28.94
N VAL A 353 -7.76 -14.82 27.64
CA VAL A 353 -8.78 -14.20 26.79
C VAL A 353 -8.62 -14.48 25.29
N VAL A 354 -9.74 -14.77 24.63
CA VAL A 354 -9.73 -15.01 23.19
C VAL A 354 -10.21 -13.67 22.64
N ASP A 355 -9.28 -12.83 22.23
CA ASP A 355 -9.60 -11.50 21.74
C ASP A 355 -9.71 -11.40 20.21
N MET A 356 -10.93 -11.16 19.75
CA MET A 356 -11.24 -11.05 18.33
C MET A 356 -11.53 -9.59 18.00
N SER A 357 -11.27 -8.70 18.95
CA SER A 357 -11.53 -7.28 18.72
C SER A 357 -10.58 -6.73 17.67
N SER A 358 -11.02 -5.65 17.02
CA SER A 358 -10.24 -4.99 15.99
C SER A 358 -8.90 -4.56 16.58
N GLY A 359 -8.93 -4.06 17.80
CA GLY A 359 -7.72 -3.63 18.47
C GLY A 359 -6.70 -4.74 18.61
N ALA A 360 -7.15 -5.92 19.01
CA ALA A 360 -6.26 -7.06 19.17
C ALA A 360 -5.76 -7.56 17.81
N ARG A 361 -6.60 -7.48 16.78
CA ARG A 361 -6.19 -7.92 15.46
C ARG A 361 -5.09 -7.01 14.88
N GLN A 362 -5.07 -5.75 15.31
CA GLN A 362 -4.07 -4.81 14.84
C GLN A 362 -2.94 -4.57 15.83
N ALA A 363 -2.73 -5.53 16.73
CA ALA A 363 -1.67 -5.39 17.72
C ALA A 363 -0.33 -4.99 17.10
N ALA A 364 -0.04 -5.49 15.91
CA ALA A 364 1.25 -5.17 15.27
C ALA A 364 1.32 -3.69 14.90
N LEU A 365 0.24 -3.18 14.33
CA LEU A 365 0.15 -1.79 13.93
C LEU A 365 0.28 -0.91 15.18
N VAL A 366 -0.51 -1.25 16.19
CA VAL A 366 -0.53 -0.49 17.44
C VAL A 366 0.86 -0.38 18.07
N ARG A 367 1.57 -1.50 18.15
CA ARG A 367 2.90 -1.50 18.75
C ARG A 367 3.88 -0.60 17.99
N LEU A 368 3.90 -0.69 16.65
CA LEU A 368 4.83 0.14 15.92
C LEU A 368 4.45 1.60 16.06
N THR A 369 3.16 1.87 16.03
CA THR A 369 2.68 3.24 16.17
C THR A 369 3.07 3.77 17.55
N ALA A 370 2.82 2.99 18.60
CA ALA A 370 3.17 3.39 19.96
C ALA A 370 4.67 3.67 20.05
N LEU A 371 5.48 2.81 19.45
CA LEU A 371 6.94 3.00 19.44
C LEU A 371 7.31 4.31 18.75
N GLU A 372 6.60 4.63 17.66
CA GLU A 372 6.84 5.85 16.91
C GLU A 372 6.56 7.02 17.86
N LEU A 373 5.42 6.95 18.53
CA LEU A 373 5.01 7.99 19.47
C LEU A 373 5.97 8.18 20.64
N ILE A 374 6.23 7.10 21.36
CA ILE A 374 7.12 7.17 22.51
C ILE A 374 8.54 7.65 22.20
N ASN A 375 9.07 7.27 21.06
CA ASN A 375 10.42 7.70 20.71
C ASN A 375 10.49 9.18 20.37
N ARG A 376 9.36 9.76 19.98
CA ARG A 376 9.30 11.18 19.63
C ARG A 376 9.67 12.02 20.86
N THR A 377 9.70 11.36 22.02
CA THR A 377 10.02 12.03 23.28
C THR A 377 11.48 11.83 23.68
N PRO A 381 16.14 6.03 23.66
CA PRO A 381 16.54 5.57 22.33
C PRO A 381 16.23 4.07 22.15
N THR A 382 14.96 3.76 21.90
CA THR A 382 14.49 2.39 21.68
C THR A 382 15.49 1.64 20.82
N PRO A 383 16.03 0.55 21.35
CA PRO A 383 17.01 -0.27 20.62
C PRO A 383 16.54 -0.52 19.19
N VAL A 384 17.37 -0.12 18.22
CA VAL A 384 17.03 -0.32 16.81
C VAL A 384 16.51 -1.73 16.56
N GLY A 385 17.03 -2.69 17.33
CA GLY A 385 16.60 -4.07 17.18
C GLY A 385 15.14 -4.27 17.55
N GLU A 386 14.69 -3.53 18.56
CA GLU A 386 13.30 -3.62 18.99
C GLU A 386 12.41 -3.02 17.91
N VAL A 387 12.86 -1.92 17.31
CA VAL A 387 12.12 -1.26 16.26
C VAL A 387 12.03 -2.15 15.04
N ILE A 388 13.11 -2.88 14.75
CA ILE A 388 13.15 -3.76 13.60
C ILE A 388 12.18 -4.92 13.82
N HIS A 389 12.14 -5.41 15.05
CA HIS A 389 11.26 -6.51 15.38
C HIS A 389 9.81 -6.08 15.21
N ALA A 390 9.47 -4.89 15.72
CA ALA A 390 8.10 -4.39 15.62
C ALA A 390 7.71 -4.13 14.16
N HIS A 391 8.66 -3.61 13.40
CA HIS A 391 8.41 -3.31 11.99
C HIS A 391 8.21 -4.59 11.18
N ASP A 392 9.04 -5.59 11.45
CA ASP A 392 8.96 -6.87 10.75
C ASP A 392 7.63 -7.56 11.04
N ALA A 393 7.16 -7.49 12.27
CA ALA A 393 5.91 -8.14 12.63
C ALA A 393 4.76 -7.48 11.88
N LEU A 394 4.85 -6.16 11.67
CA LEU A 394 3.78 -5.47 10.95
C LEU A 394 3.83 -5.82 9.45
N ALA A 395 5.03 -5.84 8.88
CA ALA A 395 5.21 -6.19 7.47
C ALA A 395 4.64 -7.59 7.25
N ILE A 396 4.87 -8.48 8.22
CA ILE A 396 4.38 -9.84 8.10
C ILE A 396 2.86 -9.89 8.14
N GLN A 397 2.22 -9.08 8.99
CA GLN A 397 0.77 -9.09 9.05
C GLN A 397 0.17 -8.39 7.83
N TYR A 398 0.85 -7.37 7.33
CA TYR A 398 0.39 -6.67 6.13
C TYR A 398 0.34 -7.70 4.98
N GLU A 399 1.44 -8.43 4.82
CA GLU A 399 1.53 -9.44 3.77
C GLU A 399 0.38 -10.45 3.91
N GLN A 400 0.14 -10.92 5.14
CA GLN A 400 -0.91 -11.90 5.38
C GLN A 400 -2.28 -11.34 4.99
N GLY A 401 -2.56 -10.12 5.46
CA GLY A 401 -3.82 -9.49 5.11
C GLY A 401 -3.96 -9.28 3.60
N LEU A 402 -2.88 -8.85 2.97
CA LEU A 402 -2.89 -8.62 1.53
C LEU A 402 -3.29 -9.93 0.80
N GLY A 403 -2.75 -11.06 1.24
CA GLY A 403 -3.08 -12.34 0.61
C GLY A 403 -4.57 -12.64 0.72
N LEU A 404 -5.12 -12.45 1.92
CA LEU A 404 -6.53 -12.69 2.16
C LEU A 404 -7.38 -11.78 1.29
N LEU A 405 -7.01 -10.51 1.19
CA LEU A 405 -7.77 -9.58 0.39
C LEU A 405 -7.70 -9.94 -1.10
N ALA A 406 -6.51 -10.31 -1.58
CA ALA A 406 -6.31 -10.69 -2.98
C ALA A 406 -7.10 -11.93 -3.35
N GLN A 407 -7.36 -12.79 -2.37
CA GLN A 407 -8.10 -14.02 -2.61
C GLN A 407 -9.61 -13.81 -2.70
N GLN A 408 -10.11 -12.79 -2.01
CA GLN A 408 -11.55 -12.50 -2.03
C GLN A 408 -12.05 -12.15 -3.43
N ALA A 409 -13.19 -12.74 -3.79
CA ALA A 409 -13.80 -12.53 -5.09
C ALA A 409 -14.37 -11.12 -5.24
N ARG A 410 -14.95 -10.58 -4.17
CA ARG A 410 -15.54 -9.24 -4.22
C ARG A 410 -15.03 -8.34 -3.10
N ILE A 411 -14.15 -7.42 -3.46
CA ILE A 411 -13.58 -6.49 -2.49
C ILE A 411 -14.01 -5.07 -2.84
N GLY A 412 -14.85 -4.95 -3.87
CA GLY A 412 -15.32 -3.64 -4.32
C GLY A 412 -16.19 -2.88 -3.33
N LEU A 413 -16.12 -1.55 -3.41
CA LEU A 413 -16.88 -0.66 -2.54
C LEU A 413 -18.33 -1.09 -2.36
N GLY A 414 -19.01 -1.35 -3.48
CA GLY A 414 -20.40 -1.76 -3.41
C GLY A 414 -20.66 -2.92 -2.47
N SER A 415 -20.01 -4.04 -2.75
CA SER A 415 -20.18 -5.26 -1.95
C SER A 415 -19.64 -5.18 -0.51
N ASN A 416 -18.95 -4.09 -0.17
CA ASN A 416 -18.38 -3.94 1.17
C ASN A 416 -18.63 -2.55 1.77
N THR A 417 -19.86 -2.07 1.63
CA THR A 417 -20.24 -0.75 2.14
C THR A 417 -19.88 -0.49 3.60
N LYS A 418 -20.38 -1.32 4.52
CA LYS A 418 -20.07 -1.11 5.92
C LYS A 418 -18.56 -1.22 6.13
N ARG A 419 -17.96 -2.19 5.45
CA ARG A 419 -16.54 -2.44 5.55
C ARG A 419 -15.76 -1.14 5.37
N PHE A 420 -15.92 -0.52 4.22
CA PHE A 420 -15.22 0.72 3.95
C PHE A 420 -15.73 1.88 4.79
N SER A 421 -16.96 1.78 5.29
CA SER A 421 -17.53 2.85 6.09
C SER A 421 -16.74 3.08 7.37
N ALA A 422 -16.25 2.00 7.97
CA ALA A 422 -15.45 2.10 9.18
C ALA A 422 -14.19 2.93 8.92
N PHE A 423 -13.82 3.06 7.64
CA PHE A 423 -12.65 3.85 7.23
C PHE A 423 -13.04 5.21 6.66
N ASN A 424 -14.30 5.59 6.89
CA ASN A 424 -14.80 6.87 6.40
C ASN A 424 -14.81 6.97 4.88
N VAL A 425 -15.07 5.84 4.22
CA VAL A 425 -15.15 5.81 2.77
C VAL A 425 -16.56 5.37 2.41
N SER A 426 -17.23 6.10 1.52
CA SER A 426 -18.58 5.73 1.13
C SER A 426 -18.77 5.85 -0.37
N SER A 427 -17.82 6.48 -1.04
CA SER A 427 -17.91 6.65 -2.49
C SER A 427 -16.60 6.26 -3.18
N ASP A 428 -16.67 6.09 -4.50
CA ASP A 428 -15.49 5.75 -5.27
C ASP A 428 -14.53 6.93 -5.19
N TYR A 429 -15.11 8.12 -5.05
CA TYR A 429 -14.33 9.34 -4.93
C TYR A 429 -13.49 9.21 -3.65
N ASP A 430 -14.17 8.83 -2.56
CA ASP A 430 -13.53 8.66 -1.26
C ASP A 430 -12.42 7.60 -1.31
N MET A 431 -12.70 6.50 -2.01
CA MET A 431 -11.75 5.39 -2.13
C MET A 431 -10.41 5.88 -2.69
N LEU A 432 -10.44 6.66 -3.76
CA LEU A 432 -9.21 7.16 -4.37
C LEU A 432 -8.34 7.97 -3.40
N TYR A 433 -8.97 8.89 -2.67
CA TYR A 433 -8.24 9.70 -1.72
C TYR A 433 -7.79 8.85 -0.54
N PHE A 434 -8.65 7.96 -0.08
CA PHE A 434 -8.33 7.09 1.05
C PHE A 434 -7.06 6.28 0.77
N LEU A 435 -6.98 5.73 -0.43
CA LEU A 435 -5.82 4.91 -0.80
C LEU A 435 -4.51 5.69 -0.72
N CYS A 436 -4.52 6.93 -1.19
CA CYS A 436 -3.30 7.73 -1.17
C CYS A 436 -2.99 8.35 0.20
N LEU A 437 -4.04 8.76 0.91
CA LEU A 437 -3.88 9.40 2.22
C LEU A 437 -3.76 8.44 3.40
N GLY A 438 -4.54 7.37 3.37
CA GLY A 438 -4.51 6.41 4.46
C GLY A 438 -5.64 6.69 5.42
N PHE A 439 -6.42 7.73 5.13
CA PHE A 439 -7.55 8.12 5.97
C PHE A 439 -8.40 9.18 5.25
N ILE A 440 -9.60 9.42 5.76
CA ILE A 440 -10.48 10.44 5.19
C ILE A 440 -10.93 11.30 6.38
N PRO A 441 -10.45 12.55 6.45
CA PRO A 441 -10.83 13.41 7.57
C PRO A 441 -12.17 14.11 7.34
N GLN A 442 -12.87 14.36 8.44
CA GLN A 442 -14.14 15.06 8.37
C GLN A 442 -14.34 15.82 9.67
N TYR A 443 -14.87 17.03 9.56
CA TYR A 443 -15.14 17.85 10.74
C TYR A 443 -16.45 17.37 11.34
N LEU A 444 -16.43 17.04 12.62
CA LEU A 444 -17.62 16.55 13.30
C LEU A 444 -17.95 17.43 14.50
#